data_3Q1Q
#
_entry.id   3Q1Q
#
_cell.length_a   169.290
_cell.length_b   169.290
_cell.length_c   184.990
_cell.angle_alpha   90.00
_cell.angle_beta   90.00
_cell.angle_gamma   120.00
#
_symmetry.space_group_name_H-M   'P 31 2 1'
#
loop_
_entity.id
_entity.type
_entity.pdbx_description
1 polymer 'RNase P RNA'
2 polymer 'Ribonuclease P protein component'
3 polymer 'TRNA (PHE)'
4 non-polymer 'MAGNESIUM ION'
5 non-polymer 'PHOSPHATE ION'
#
loop_
_entity_poly.entity_id
_entity_poly.type
_entity_poly.pdbx_seq_one_letter_code
_entity_poly.pdbx_strand_id
1 'polyribonucleotide'
;GGAGAGGAGCAGGCGGUCGCGGGGGCGCACACCUGCGCUUCCCGAGGAAAGUCCGGACUCUGGAGCGGGGUGCCGGGUAA
CGCCCGGGAGGGGUGACCCUCGGACAGGGCCAUAGAGAAGAAGACCGCCCGGGGGGAAACUUCCGGGCAAGGGUGGAACG
GUGGGGUAAGAGCCCACCAGCGUCGGGGCAACCCGGCGGCUUGGCAACCCCCACCUGGAGCAAGGCCAAGCAGGGGGUUG
GGUCGCUCCCCCUAUUCCCCCGGGUUGGCCGCUUGAGGUGUGCGGUAACGCACACCCCAGAUUGAUGACCGCCCACGACA
GAAUCCGGCUUAUGCUCCUCUCCCGUG
;
B
2 'polypeptide(L)'
;GSTESFTRRERLRLRRDFLLIFKEGKSLQNEYFVVLFRKNGLDYSRLGIVVKRKFGKATRRNKLKRWVREIFRRNKGVIP
KGFDIVVIPRKKLSEEFERVDFWTVREKLLNLLKRIEG
;
A
3 'polyribonucleotide'
;GGCCAGGUAGCUCAGUUGGUAGAGCACUGGAUAUGGGCACCCCCUAAGUCCAGGUGUCGGCGGUUCGAUUCCGCCCCUGG
CCACCA
;
C
#
# COMPACT_ATOMS: atom_id res chain seq x y z
N THR B 7 -5.80 3.35 -13.54
CA THR B 7 -7.10 2.70 -13.50
C THR B 7 -7.82 3.18 -12.24
N ARG B 8 -8.72 4.21 -12.37
CA ARG B 8 -9.54 4.80 -11.27
C ARG B 8 -10.71 3.95 -10.74
N ARG B 9 -11.02 2.90 -11.51
CA ARG B 9 -12.02 1.91 -11.12
C ARG B 9 -11.25 1.07 -10.12
N GLU B 10 -9.90 0.97 -10.30
CA GLU B 10 -9.01 0.25 -9.38
C GLU B 10 -8.60 1.15 -8.20
N ARG B 11 -8.96 2.43 -8.26
CA ARG B 11 -8.62 3.38 -7.20
C ARG B 11 -9.76 3.48 -6.20
N LEU B 12 -9.48 3.13 -4.94
CA LEU B 12 -10.47 3.18 -3.87
C LEU B 12 -10.46 4.54 -3.18
N ARG B 13 -11.66 5.05 -2.87
CA ARG B 13 -11.83 6.32 -2.16
C ARG B 13 -11.38 6.18 -0.71
N LEU B 14 -10.52 7.11 -0.27
CA LEU B 14 -9.99 7.09 1.08
C LEU B 14 -10.73 7.93 2.09
N ARG B 15 -11.29 9.09 1.68
CA ARG B 15 -12.01 10.00 2.58
C ARG B 15 -13.13 9.29 3.34
N ARG B 16 -13.83 8.38 2.69
CA ARG B 16 -14.86 7.62 3.37
C ARG B 16 -14.38 6.28 3.88
N ASP B 17 -13.56 5.58 3.07
CA ASP B 17 -13.16 4.22 3.42
C ASP B 17 -12.00 4.03 4.35
N PHE B 18 -11.07 5.00 4.44
CA PHE B 18 -9.90 4.83 5.31
C PHE B 18 -10.29 4.53 6.75
N LEU B 19 -11.25 5.29 7.30
CA LEU B 19 -11.72 5.08 8.66
C LEU B 19 -12.27 3.66 8.85
N LEU B 20 -13.10 3.21 7.90
CA LEU B 20 -13.71 1.89 7.93
C LEU B 20 -12.69 0.78 7.86
N ILE B 21 -11.68 0.90 6.97
CA ILE B 21 -10.62 -0.10 6.86
C ILE B 21 -9.77 -0.14 8.13
N PHE B 22 -9.45 1.04 8.69
CA PHE B 22 -8.69 1.19 9.93
C PHE B 22 -9.41 0.51 11.10
N LYS B 23 -10.72 0.72 11.20
CA LYS B 23 -11.56 0.20 12.28
C LYS B 23 -11.96 -1.25 12.17
N GLU B 24 -12.31 -1.70 10.96
CA GLU B 24 -12.84 -3.02 10.71
C GLU B 24 -11.90 -4.01 10.03
N GLY B 25 -10.84 -3.50 9.39
CA GLY B 25 -9.91 -4.36 8.67
C GLY B 25 -8.81 -4.96 9.52
N LYS B 26 -7.88 -5.63 8.83
CA LYS B 26 -6.72 -6.27 9.43
C LYS B 26 -5.48 -5.49 9.02
N SER B 27 -4.34 -5.86 9.61
CA SER B 27 -3.08 -5.19 9.38
C SER B 27 -1.91 -6.17 9.38
N LEU B 28 -0.91 -5.86 8.54
CA LEU B 28 0.38 -6.56 8.45
C LEU B 28 1.44 -5.49 8.32
N GLN B 29 2.64 -5.76 8.83
CA GLN B 29 3.73 -4.81 8.75
C GLN B 29 5.09 -5.45 8.78
N ASN B 30 6.07 -4.71 8.28
CA ASN B 30 7.47 -5.06 8.33
C ASN B 30 8.19 -3.76 8.66
N GLU B 31 9.51 -3.73 8.56
CA GLU B 31 10.29 -2.54 8.87
C GLU B 31 9.98 -1.32 8.00
N TYR B 32 9.50 -1.52 6.76
CA TYR B 32 9.23 -0.41 5.83
C TYR B 32 7.77 0.01 5.65
N PHE B 33 6.82 -0.92 5.79
CA PHE B 33 5.41 -0.63 5.54
C PHE B 33 4.44 -1.21 6.53
N VAL B 34 3.27 -0.57 6.62
CA VAL B 34 2.08 -1.04 7.32
C VAL B 34 1.06 -1.19 6.19
N VAL B 35 0.39 -2.34 6.13
CA VAL B 35 -0.63 -2.60 5.12
C VAL B 35 -1.94 -2.90 5.84
N LEU B 36 -2.98 -2.10 5.58
CA LEU B 36 -4.31 -2.30 6.13
C LEU B 36 -5.19 -2.88 5.02
N PHE B 37 -6.08 -3.81 5.38
CA PHE B 37 -6.93 -4.44 4.37
C PHE B 37 -8.25 -4.95 4.90
N ARG B 38 -9.25 -4.95 4.03
CA ARG B 38 -10.59 -5.40 4.34
C ARG B 38 -11.23 -5.95 3.07
N LYS B 39 -12.04 -6.99 3.23
CA LYS B 39 -12.80 -7.61 2.14
C LYS B 39 -13.73 -6.55 1.56
N ASN B 40 -13.75 -6.41 0.24
CA ASN B 40 -14.56 -5.38 -0.41
C ASN B 40 -15.84 -5.91 -1.09
N GLY B 41 -15.99 -7.24 -1.16
CA GLY B 41 -17.14 -7.89 -1.78
C GLY B 41 -17.13 -7.77 -3.31
N LEU B 42 -15.96 -7.46 -3.89
CA LEU B 42 -15.77 -7.35 -5.33
C LEU B 42 -14.89 -8.49 -5.80
N ASP B 43 -14.78 -8.66 -7.12
CA ASP B 43 -13.97 -9.73 -7.72
C ASP B 43 -12.54 -9.26 -8.04
N TYR B 44 -12.18 -8.08 -7.54
CA TYR B 44 -10.88 -7.45 -7.71
C TYR B 44 -10.51 -6.65 -6.47
N SER B 45 -9.21 -6.38 -6.31
CA SER B 45 -8.70 -5.59 -5.20
C SER B 45 -8.46 -4.14 -5.61
N ARG B 46 -8.54 -3.22 -4.62
CA ARG B 46 -8.34 -1.79 -4.83
C ARG B 46 -7.25 -1.29 -3.90
N LEU B 47 -6.41 -0.38 -4.40
CA LEU B 47 -5.28 0.19 -3.68
C LEU B 47 -5.45 1.66 -3.33
N GLY B 48 -5.07 2.00 -2.10
CA GLY B 48 -5.02 3.35 -1.56
C GLY B 48 -3.66 3.52 -0.87
N ILE B 49 -3.10 4.72 -0.94
CA ILE B 49 -1.81 5.03 -0.31
C ILE B 49 -1.97 6.22 0.61
N VAL B 50 -1.54 6.06 1.85
CA VAL B 50 -1.60 7.14 2.83
C VAL B 50 -0.18 7.48 3.24
N VAL B 51 0.28 8.63 2.77
CA VAL B 51 1.61 9.10 3.08
C VAL B 51 1.49 10.25 4.05
N LYS B 52 2.08 10.09 5.24
CA LYS B 52 2.08 11.13 6.27
C LYS B 52 2.83 12.34 5.76
N ARG B 53 2.36 13.55 6.12
CA ARG B 53 2.98 14.81 5.69
C ARG B 53 4.47 14.82 6.00
N LYS B 54 4.87 14.28 7.17
CA LYS B 54 6.25 14.20 7.64
C LYS B 54 7.20 13.40 6.75
N PHE B 55 6.66 12.61 5.79
CA PHE B 55 7.49 11.86 4.85
C PHE B 55 8.32 12.82 3.97
N GLY B 56 7.80 14.04 3.73
CA GLY B 56 8.52 15.03 2.94
C GLY B 56 7.64 15.78 1.97
N LYS B 57 8.30 16.54 1.09
CA LYS B 57 7.63 17.36 0.09
C LYS B 57 7.20 16.55 -1.13
N ALA B 58 6.46 17.20 -2.04
CA ALA B 58 5.87 16.59 -3.23
C ALA B 58 6.75 15.63 -3.97
N THR B 59 7.98 16.02 -4.29
CA THR B 59 8.91 15.17 -5.04
C THR B 59 9.09 13.81 -4.38
N ARG B 60 9.47 13.83 -3.10
CA ARG B 60 9.73 12.63 -2.32
C ARG B 60 8.50 11.75 -2.16
N ARG B 61 7.36 12.35 -1.75
CA ARG B 61 6.13 11.59 -1.56
C ARG B 61 5.58 11.03 -2.85
N ASN B 62 5.68 11.79 -3.94
CA ASN B 62 5.19 11.33 -5.23
C ASN B 62 5.99 10.18 -5.79
N LYS B 63 7.31 10.15 -5.53
CA LYS B 63 8.19 9.07 -5.95
C LYS B 63 7.77 7.77 -5.27
N LEU B 64 7.53 7.84 -3.95
CA LEU B 64 7.10 6.68 -3.20
C LEU B 64 5.76 6.15 -3.72
N LYS B 65 4.79 7.04 -3.92
CA LYS B 65 3.46 6.69 -4.42
C LYS B 65 3.54 6.03 -5.80
N ARG B 66 4.39 6.56 -6.69
CA ARG B 66 4.56 5.98 -8.03
C ARG B 66 5.09 4.57 -7.95
N TRP B 67 6.11 4.33 -7.12
CA TRP B 67 6.70 3.00 -6.93
C TRP B 67 5.64 2.02 -6.45
N VAL B 68 4.86 2.43 -5.45
CA VAL B 68 3.81 1.61 -4.86
C VAL B 68 2.74 1.25 -5.90
N ARG B 69 2.27 2.23 -6.68
CA ARG B 69 1.25 2.03 -7.71
C ARG B 69 1.74 1.04 -8.78
N GLU B 70 3.01 1.18 -9.19
CA GLU B 70 3.65 0.32 -10.19
C GLU B 70 3.78 -1.11 -9.72
N ILE B 71 4.23 -1.31 -8.47
CA ILE B 71 4.39 -2.64 -7.87
C ILE B 71 3.03 -3.33 -7.86
N PHE B 72 2.01 -2.62 -7.40
CA PHE B 72 0.66 -3.15 -7.34
C PHE B 72 0.14 -3.52 -8.73
N ARG B 73 0.23 -2.60 -9.70
CA ARG B 73 -0.23 -2.81 -11.07
C ARG B 73 0.38 -4.02 -11.75
N ARG B 74 1.70 -4.12 -11.71
CA ARG B 74 2.44 -5.20 -12.36
C ARG B 74 2.23 -6.55 -11.70
N ASN B 75 1.94 -6.57 -10.39
CA ASN B 75 1.77 -7.80 -9.62
C ASN B 75 0.33 -8.12 -9.21
N LYS B 76 -0.66 -7.42 -9.78
CA LYS B 76 -2.09 -7.59 -9.51
C LYS B 76 -2.53 -9.06 -9.62
N GLY B 77 -1.98 -9.78 -10.63
CA GLY B 77 -2.27 -11.18 -10.90
C GLY B 77 -1.98 -12.11 -9.72
N VAL B 78 -0.92 -11.82 -8.96
CA VAL B 78 -0.51 -12.65 -7.82
C VAL B 78 -1.05 -12.14 -6.46
N ILE B 79 -1.39 -10.86 -6.36
CA ILE B 79 -1.93 -10.27 -5.14
C ILE B 79 -3.37 -10.76 -4.96
N PRO B 80 -3.78 -11.16 -3.72
CA PRO B 80 -5.15 -11.64 -3.49
C PRO B 80 -6.24 -10.69 -4.00
N LYS B 81 -7.35 -11.28 -4.47
CA LYS B 81 -8.50 -10.56 -5.04
C LYS B 81 -9.60 -10.35 -4.00
N GLY B 82 -10.34 -9.23 -4.13
CA GLY B 82 -11.48 -8.92 -3.26
C GLY B 82 -11.15 -8.18 -1.97
N PHE B 83 -10.10 -7.35 -1.98
CA PHE B 83 -9.68 -6.56 -0.83
C PHE B 83 -9.44 -5.11 -1.15
N ASP B 84 -9.82 -4.24 -0.21
CA ASP B 84 -9.46 -2.83 -0.28
C ASP B 84 -8.21 -2.75 0.58
N ILE B 85 -7.13 -2.26 -0.03
CA ILE B 85 -5.80 -2.23 0.56
C ILE B 85 -5.26 -0.82 0.71
N VAL B 86 -4.75 -0.51 1.92
CA VAL B 86 -4.14 0.78 2.23
C VAL B 86 -2.66 0.55 2.56
N VAL B 87 -1.78 1.21 1.82
CA VAL B 87 -0.34 1.11 2.05
C VAL B 87 0.14 2.36 2.77
N ILE B 88 0.85 2.18 3.88
CA ILE B 88 1.37 3.26 4.70
C ILE B 88 2.88 3.09 4.93
N PRO B 89 3.71 4.01 4.43
CA PRO B 89 5.15 3.91 4.68
C PRO B 89 5.45 4.23 6.14
N ARG B 90 6.49 3.57 6.67
CA ARG B 90 6.91 3.71 8.06
C ARG B 90 8.07 4.66 8.20
N LYS B 91 8.31 5.15 9.42
CA LYS B 91 9.40 6.09 9.68
C LYS B 91 10.72 5.55 9.13
N LYS B 92 10.98 4.27 9.37
CA LYS B 92 12.21 3.63 8.91
C LYS B 92 12.43 3.87 7.42
N LEU B 93 11.41 3.57 6.61
CA LEU B 93 11.49 3.76 5.17
C LEU B 93 11.92 5.18 4.82
N SER B 94 11.27 6.17 5.43
CA SER B 94 11.57 7.57 5.19
C SER B 94 12.94 7.94 5.77
N GLU B 95 13.59 6.98 6.42
CA GLU B 95 14.90 7.20 7.02
C GLU B 95 16.01 6.73 6.09
N GLU B 96 15.71 5.72 5.26
CA GLU B 96 16.69 5.17 4.33
C GLU B 96 16.11 5.07 2.93
N PHE B 97 15.04 5.82 2.67
CA PHE B 97 14.39 5.82 1.36
C PHE B 97 15.40 6.04 0.24
N GLU B 98 16.24 7.07 0.40
CA GLU B 98 17.26 7.38 -0.60
C GLU B 98 18.33 6.30 -0.66
N ARG B 99 18.38 5.46 0.37
CA ARG B 99 19.36 4.38 0.44
C ARG B 99 18.74 3.06 0.00
N VAL B 100 17.42 3.02 -0.09
CA VAL B 100 16.69 1.82 -0.48
C VAL B 100 16.43 1.81 -1.98
N ASP B 101 16.76 0.70 -2.63
CA ASP B 101 16.56 0.55 -4.07
C ASP B 101 15.14 0.06 -4.37
N PHE B 102 14.75 0.14 -5.64
CA PHE B 102 13.42 -0.29 -6.06
C PHE B 102 13.12 -1.77 -5.77
N TRP B 103 14.04 -2.68 -6.11
CA TRP B 103 13.83 -4.10 -5.88
C TRP B 103 13.59 -4.44 -4.42
N THR B 104 14.24 -3.73 -3.48
CA THR B 104 14.07 -3.94 -2.04
C THR B 104 12.68 -3.48 -1.61
N VAL B 105 12.25 -2.31 -2.09
CA VAL B 105 10.93 -1.77 -1.79
C VAL B 105 9.87 -2.75 -2.31
N ARG B 106 10.07 -3.25 -3.55
CA ARG B 106 9.20 -4.22 -4.20
C ARG B 106 9.08 -5.50 -3.37
N GLU B 107 10.22 -6.09 -2.98
CA GLU B 107 10.27 -7.32 -2.17
C GLU B 107 9.52 -7.15 -0.87
N LYS B 108 9.81 -6.07 -0.14
CA LYS B 108 9.23 -5.78 1.16
C LYS B 108 7.74 -5.52 1.09
N LEU B 109 7.28 -4.82 0.04
CA LEU B 109 5.85 -4.56 -0.13
C LEU B 109 5.11 -5.83 -0.55
N LEU B 110 5.65 -6.57 -1.53
CA LEU B 110 5.03 -7.81 -1.99
C LEU B 110 4.95 -8.88 -0.92
N ASN B 111 5.94 -8.93 -0.01
CA ASN B 111 5.92 -9.90 1.08
C ASN B 111 4.66 -9.73 1.95
N LEU B 112 4.22 -8.49 2.13
CA LEU B 112 3.01 -8.18 2.90
C LEU B 112 1.76 -8.42 2.08
N LEU B 113 1.71 -7.87 0.85
CA LEU B 113 0.56 -7.97 -0.04
C LEU B 113 0.14 -9.42 -0.33
N LYS B 114 1.13 -10.30 -0.54
CA LYS B 114 0.90 -11.72 -0.81
C LYS B 114 0.38 -12.49 0.42
N ARG B 115 0.49 -11.88 1.62
CA ARG B 115 0.02 -12.50 2.85
C ARG B 115 -1.38 -12.07 3.29
N ILE B 116 -2.04 -11.22 2.49
CA ILE B 116 -3.41 -10.79 2.74
C ILE B 116 -4.31 -12.03 2.65
N GLU B 117 -5.04 -12.30 3.73
CA GLU B 117 -5.92 -13.45 3.89
C GLU B 117 -7.25 -13.01 4.53
N GLY B 118 -8.38 -13.69 4.24
CA GLY B 118 -8.53 -14.82 3.32
C GLY B 118 -9.77 -14.68 2.46
#